data_4ADO
#
_entry.id   4ADO
#
_cell.length_a   44.780
_cell.length_b   47.310
_cell.length_c   53.000
_cell.angle_alpha   89.87
_cell.angle_beta   83.41
_cell.angle_gamma   85.66
#
_symmetry.space_group_name_H-M   'P 1'
#
loop_
_entity.id
_entity.type
_entity.pdbx_description
1 polymer FAR1
2 non-polymer 'ZINC ION'
3 water water
#
_entity_poly.entity_id   1
_entity_poly.type   'polypeptide(L)'
_entity_poly.pdbx_seq_one_letter_code
;MAHHHHHHGMKTMIYPHQYNYIRSVILRLKNVYKTVNDKETVKVIQSETYNDINEIFGHIDDDIEESLKVLMNIRLSNKE
IEAILNKFLEYVVPFELPSPQKLQKVFKKVKKIKIPQFEEYDLKVSSFVGWNELASNRKYIIYYDEKKQLKGLYGEISNQ
VVKGFCTICNKESNVSLFMKKSKTNSDGQYVKKGDYICRDSIHCNKQLTDINQFYNFIDKLD
;
_entity_poly.pdbx_strand_id   A,B
#
loop_
_chem_comp.id
_chem_comp.type
_chem_comp.name
_chem_comp.formula
ZN non-polymer 'ZINC ION' 'Zn 2'
#
# COMPACT_ATOMS: atom_id res chain seq x y z
N MET A 10 1.94 -28.19 -15.55
CA MET A 10 3.16 -27.36 -15.73
C MET A 10 2.80 -25.94 -16.09
N LYS A 11 2.95 -24.99 -15.24
CA LYS A 11 2.67 -23.58 -15.39
C LYS A 11 3.96 -22.83 -15.67
N THR A 12 3.75 -22.05 -16.61
CA THR A 12 4.84 -21.17 -16.96
C THR A 12 5.21 -20.43 -15.67
N MET A 13 6.50 -20.18 -15.47
CA MET A 13 7.03 -19.49 -14.31
C MET A 13 7.19 -17.96 -14.45
N ILE A 14 6.71 -17.22 -13.45
CA ILE A 14 6.92 -15.77 -13.45
C ILE A 14 7.56 -15.31 -12.15
N TYR A 15 8.17 -14.13 -12.20
CA TYR A 15 8.79 -13.55 -11.03
C TYR A 15 7.76 -12.83 -10.20
N PRO A 16 8.03 -12.71 -8.90
CA PRO A 16 7.19 -11.97 -7.95
C PRO A 16 6.86 -10.55 -8.42
N HIS A 17 7.85 -9.86 -8.96
CA HIS A 17 7.58 -8.49 -9.38
C HIS A 17 6.59 -8.48 -10.56
N GLN A 18 6.59 -9.57 -11.32
CA GLN A 18 5.71 -9.67 -12.46
C GLN A 18 4.30 -9.89 -11.97
N TYR A 19 4.22 -10.71 -10.92
CA TYR A 19 2.96 -10.89 -10.27
C TYR A 19 2.45 -9.56 -9.72
N ASN A 20 3.33 -8.81 -9.06
CA ASN A 20 2.92 -7.53 -8.46
C ASN A 20 2.44 -6.58 -9.56
N TYR A 21 3.11 -6.62 -10.71
CA TYR A 21 2.72 -5.78 -11.83
C TYR A 21 1.33 -6.18 -12.32
N ILE A 22 1.12 -7.47 -12.47
CA ILE A 22 -0.20 -7.94 -12.85
C ILE A 22 -1.32 -7.52 -11.87
N ARG A 23 -1.09 -7.71 -10.58
CA ARG A 23 -2.03 -7.30 -9.56
C ARG A 23 -2.31 -5.83 -9.77
N SER A 24 -1.23 -5.09 -9.98
CA SER A 24 -1.34 -3.66 -10.19
C SER A 24 -2.25 -3.24 -11.35
N VAL A 25 -2.02 -3.80 -12.53
CA VAL A 25 -2.81 -3.41 -13.70
C VAL A 25 -4.26 -3.88 -13.61
N ILE A 26 -4.45 -5.01 -12.95
CA ILE A 26 -5.79 -5.50 -12.72
C ILE A 26 -6.57 -4.50 -11.84
N LEU A 27 -5.97 -3.99 -10.77
CA LEU A 27 -6.74 -3.09 -9.91
C LEU A 27 -7.02 -1.77 -10.63
N ARG A 28 -6.08 -1.35 -11.44
CA ARG A 28 -6.23 -0.17 -12.24
C ARG A 28 -7.36 -0.36 -13.28
N LEU A 29 -7.42 -1.53 -13.89
CA LEU A 29 -8.47 -1.87 -14.84
C LEU A 29 -9.81 -1.80 -14.15
N LYS A 30 -9.88 -2.36 -12.96
CA LYS A 30 -11.09 -2.29 -12.27
C LYS A 30 -11.51 -0.89 -12.08
N ASN A 31 -10.57 -0.01 -11.76
CA ASN A 31 -10.88 1.39 -11.56
C ASN A 31 -11.35 2.08 -12.84
N VAL A 32 -10.76 1.71 -13.95
CA VAL A 32 -11.19 2.24 -15.23
C VAL A 32 -12.62 1.79 -15.54
N TYR A 33 -12.94 0.53 -15.30
CA TYR A 33 -14.32 0.08 -15.47
C TYR A 33 -15.27 0.92 -14.62
N LYS A 34 -14.90 1.19 -13.38
CA LYS A 34 -15.79 1.87 -12.50
C LYS A 34 -16.04 3.35 -12.82
N THR A 35 -15.03 4.05 -13.29
CA THR A 35 -15.04 5.51 -13.30
C THR A 35 -14.86 6.15 -14.66
N VAL A 36 -14.64 5.36 -15.70
CA VAL A 36 -14.37 5.95 -17.02
C VAL A 36 -15.48 5.66 -18.00
N ASN A 37 -15.84 6.68 -18.77
CA ASN A 37 -17.02 6.58 -19.59
C ASN A 37 -16.65 6.25 -21.03
N ASP A 38 -15.81 7.07 -21.63
CA ASP A 38 -15.53 6.93 -23.03
C ASP A 38 -15.09 5.49 -23.36
N LYS A 39 -15.89 4.85 -24.21
CA LYS A 39 -15.77 3.45 -24.61
C LYS A 39 -14.43 3.11 -25.24
N GLU A 40 -13.95 3.96 -26.13
CA GLU A 40 -12.73 3.66 -26.85
C GLU A 40 -11.50 3.71 -25.95
N THR A 41 -11.47 4.59 -24.95
CA THR A 41 -10.37 4.61 -23.97
C THR A 41 -10.36 3.26 -23.20
N VAL A 42 -11.55 2.80 -22.83
CA VAL A 42 -11.64 1.50 -22.17
C VAL A 42 -11.08 0.40 -23.07
N LYS A 43 -11.44 0.40 -24.36
CA LYS A 43 -10.94 -0.64 -25.27
C LYS A 43 -9.43 -0.65 -25.39
N VAL A 44 -8.84 0.54 -25.52
CA VAL A 44 -7.40 0.64 -25.58
C VAL A 44 -6.84 0.06 -24.29
N ILE A 45 -7.42 0.41 -23.16
CA ILE A 45 -6.90 -0.12 -21.92
C ILE A 45 -7.09 -1.61 -21.65
N GLN A 46 -8.26 -2.13 -22.03
CA GLN A 46 -8.53 -3.55 -21.95
C GLN A 46 -7.47 -4.30 -22.74
N SER A 47 -7.30 -3.87 -23.99
CA SER A 47 -6.32 -4.46 -24.88
CA SER A 47 -6.32 -4.46 -24.89
C SER A 47 -4.90 -4.33 -24.33
N GLU A 48 -4.53 -3.14 -23.83
CA GLU A 48 -3.18 -3.01 -23.29
C GLU A 48 -2.97 -3.97 -22.10
N THR A 49 -3.95 -4.03 -21.21
CA THR A 49 -3.84 -4.85 -20.00
C THR A 49 -3.78 -6.31 -20.40
N TYR A 50 -4.65 -6.64 -21.34
CA TYR A 50 -4.73 -7.98 -21.90
C TYR A 50 -3.33 -8.28 -22.46
N ASN A 51 -2.75 -7.36 -23.22
CA ASN A 51 -1.37 -7.57 -23.73
C ASN A 51 -0.26 -7.68 -22.68
N ASP A 52 -0.32 -6.82 -21.67
CA ASP A 52 0.65 -6.84 -20.59
C ASP A 52 0.68 -8.18 -19.90
N ILE A 53 -0.47 -8.75 -19.67
CA ILE A 53 -0.60 -10.03 -18.99
C ILE A 53 -0.18 -11.04 -20.08
N ASN A 54 -0.64 -10.91 -21.30
CA ASN A 54 -0.30 -11.83 -22.34
C ASN A 54 1.22 -11.87 -22.51
N GLU A 55 1.81 -10.72 -22.36
CA GLU A 55 3.24 -10.58 -22.60
C GLU A 55 4.04 -11.18 -21.47
N ILE A 56 3.56 -11.02 -20.25
CA ILE A 56 4.23 -11.59 -19.10
C ILE A 56 4.19 -13.11 -19.09
N PHE A 57 3.04 -13.69 -19.37
CA PHE A 57 2.98 -15.12 -19.24
C PHE A 57 3.68 -15.86 -20.34
N GLY A 58 3.59 -15.40 -21.56
CA GLY A 58 4.23 -16.09 -22.64
C GLY A 58 3.20 -16.87 -23.41
N HIS A 59 2.76 -17.97 -22.87
CA HIS A 59 1.61 -18.58 -23.49
C HIS A 59 0.41 -18.69 -22.59
N ILE A 60 -0.72 -18.44 -23.21
CA ILE A 60 -2.00 -18.63 -22.58
C ILE A 60 -2.35 -20.09 -22.29
N ASP A 61 -2.73 -20.43 -21.06
CA ASP A 61 -3.12 -21.81 -20.84
C ASP A 61 -4.61 -21.59 -20.60
N ASP A 62 -5.37 -22.63 -20.28
CA ASP A 62 -6.80 -22.39 -20.12
C ASP A 62 -7.18 -21.50 -18.95
N ASP A 63 -6.44 -21.56 -17.85
CA ASP A 63 -6.74 -20.71 -16.72
C ASP A 63 -6.49 -19.26 -17.00
N ILE A 64 -5.39 -18.98 -17.69
CA ILE A 64 -5.12 -17.62 -18.06
C ILE A 64 -6.10 -17.08 -19.07
N GLU A 65 -6.47 -17.90 -20.06
CA GLU A 65 -7.46 -17.45 -21.01
C GLU A 65 -8.78 -17.09 -20.33
N GLU A 66 -9.23 -17.97 -19.44
CA GLU A 66 -10.47 -17.73 -18.70
C GLU A 66 -10.40 -16.53 -17.76
N SER A 67 -9.24 -16.37 -17.03
CA SER A 67 -9.12 -15.25 -16.15
C SER A 67 -9.24 -13.96 -16.98
N LEU A 68 -8.56 -13.95 -18.12
CA LEU A 68 -8.58 -12.81 -19.03
C LEU A 68 -9.96 -12.54 -19.54
N LYS A 69 -10.67 -13.61 -19.85
CA LYS A 69 -12.03 -13.47 -20.32
C LYS A 69 -12.82 -12.76 -19.22
N VAL A 70 -12.64 -13.21 -17.97
CA VAL A 70 -13.33 -12.59 -16.84
C VAL A 70 -12.90 -11.12 -16.61
N LEU A 71 -11.59 -10.87 -16.71
CA LEU A 71 -11.02 -9.52 -16.55
C LEU A 71 -11.55 -8.58 -17.60
N MET A 72 -11.84 -9.16 -18.78
CA MET A 72 -12.25 -8.37 -19.92
C MET A 72 -13.71 -8.03 -19.85
N ASN A 73 -14.38 -8.47 -18.78
CA ASN A 73 -15.76 -8.09 -18.62
C ASN A 73 -15.85 -6.85 -17.81
N ILE A 74 -16.55 -5.87 -18.34
CA ILE A 74 -16.67 -4.61 -17.70
C ILE A 74 -17.45 -4.80 -16.42
N ARG A 75 -18.10 -5.94 -16.27
CA ARG A 75 -18.86 -6.26 -15.05
C ARG A 75 -17.99 -6.98 -14.01
N LEU A 76 -16.69 -7.00 -14.26
CA LEU A 76 -15.69 -7.56 -13.36
C LEU A 76 -15.93 -7.20 -11.91
N SER A 77 -15.94 -8.20 -11.04
CA SER A 77 -16.24 -7.98 -9.63
C SER A 77 -14.99 -8.17 -8.78
N ASN A 78 -15.02 -7.64 -7.56
CA ASN A 78 -13.98 -7.85 -6.57
C ASN A 78 -13.71 -9.30 -6.25
N LYS A 79 -14.75 -10.09 -6.07
CA LYS A 79 -14.63 -11.52 -5.78
C LYS A 79 -13.89 -12.28 -6.87
N GLU A 80 -14.18 -11.89 -8.09
CA GLU A 80 -13.52 -12.42 -9.28
C GLU A 80 -12.03 -12.06 -9.33
N ILE A 81 -11.72 -10.82 -8.96
CA ILE A 81 -10.34 -10.35 -8.87
C ILE A 81 -9.54 -11.20 -7.88
N GLU A 82 -10.08 -11.36 -6.72
CA GLU A 82 -9.51 -12.19 -5.71
C GLU A 82 -9.28 -13.64 -6.15
N ALA A 83 -10.20 -14.23 -6.93
CA ALA A 83 -9.99 -15.58 -7.47
C ALA A 83 -8.85 -15.59 -8.50
N ILE A 84 -8.83 -14.56 -9.34
CA ILE A 84 -7.82 -14.46 -10.38
C ILE A 84 -6.43 -14.24 -9.84
N LEU A 85 -6.33 -13.37 -8.85
CA LEU A 85 -5.07 -13.09 -8.18
C LEU A 85 -4.55 -14.36 -7.49
N ASN A 86 -5.46 -15.08 -6.88
CA ASN A 86 -5.12 -16.32 -6.15
C ASN A 86 -4.54 -17.36 -7.17
N LYS A 87 -5.09 -17.37 -8.37
CA LYS A 87 -4.68 -18.30 -9.41
C LYS A 87 -3.34 -17.86 -10.02
N PHE A 88 -3.17 -16.56 -10.22
CA PHE A 88 -1.94 -16.06 -10.83
C PHE A 88 -0.77 -16.37 -9.91
N LEU A 89 -1.04 -16.38 -8.60
CA LEU A 89 -0.03 -16.64 -7.60
C LEU A 89 0.61 -18.04 -7.75
N GLU A 90 -0.14 -18.98 -8.29
CA GLU A 90 0.34 -20.34 -8.51
C GLU A 90 1.49 -20.35 -9.54
N TYR A 91 1.59 -19.34 -10.36
CA TYR A 91 2.60 -19.30 -11.39
C TYR A 91 3.91 -18.73 -10.84
N VAL A 92 3.88 -18.09 -9.69
CA VAL A 92 5.04 -17.35 -9.21
C VAL A 92 6.09 -18.24 -8.59
N VAL A 93 7.33 -18.02 -8.98
CA VAL A 93 8.46 -18.66 -8.31
C VAL A 93 8.94 -17.77 -7.18
N PRO A 94 8.80 -18.25 -5.94
CA PRO A 94 9.11 -17.43 -4.77
C PRO A 94 10.59 -17.20 -4.57
N PHE A 95 10.89 -16.10 -3.88
CA PHE A 95 12.23 -15.79 -3.47
C PHE A 95 12.79 -16.92 -2.64
N GLU A 96 14.02 -17.31 -2.93
CA GLU A 96 14.64 -18.38 -2.21
C GLU A 96 15.59 -17.92 -1.13
N LEU A 97 15.21 -18.16 0.13
CA LEU A 97 16.08 -17.79 1.24
C LEU A 97 17.34 -18.62 1.24
N PRO A 98 18.50 -17.98 1.42
CA PRO A 98 19.79 -18.68 1.41
C PRO A 98 19.99 -19.46 2.69
N SER A 99 20.81 -20.50 2.67
CA SER A 99 21.15 -21.17 3.92
C SER A 99 21.93 -20.21 4.81
N PRO A 100 21.91 -20.45 6.11
CA PRO A 100 22.64 -19.67 7.11
C PRO A 100 24.12 -19.61 6.79
N GLN A 101 24.66 -20.71 6.36
CA GLN A 101 26.07 -20.73 6.03
C GLN A 101 26.33 -19.81 4.85
N LYS A 102 25.39 -19.75 3.88
CA LYS A 102 25.57 -18.79 2.77
C LYS A 102 25.29 -17.37 3.21
N LEU A 103 24.30 -17.23 4.05
CA LEU A 103 23.98 -15.88 4.48
C LEU A 103 25.17 -15.31 5.20
N GLN A 104 25.80 -16.13 6.03
CA GLN A 104 26.98 -15.73 6.80
C GLN A 104 28.16 -15.42 5.86
N LYS A 105 28.31 -16.18 4.81
CA LYS A 105 29.40 -15.94 3.87
C LYS A 105 29.25 -14.63 3.08
N VAL A 106 28.02 -14.17 2.84
CA VAL A 106 27.84 -12.89 2.15
C VAL A 106 28.05 -11.71 3.12
N PHE A 107 27.88 -11.96 4.41
CA PHE A 107 28.09 -10.92 5.41
C PHE A 107 29.22 -11.39 6.33
N LYS A 108 30.37 -11.62 5.71
CA LYS A 108 31.53 -12.23 6.38
C LYS A 108 31.97 -11.52 7.65
N LYS A 109 31.84 -10.20 7.67
CA LYS A 109 32.33 -9.45 8.84
C LYS A 109 31.26 -9.35 9.90
N VAL A 110 30.04 -9.74 9.60
CA VAL A 110 29.02 -9.61 10.61
C VAL A 110 28.82 -10.90 11.32
N LYS A 111 29.38 -10.95 12.52
CA LYS A 111 29.30 -12.10 13.37
C LYS A 111 27.94 -12.04 13.99
N LYS A 112 27.30 -13.17 14.15
CA LYS A 112 26.05 -13.12 14.79
C LYS A 112 24.90 -12.61 13.93
N ILE A 113 24.80 -13.08 12.70
CA ILE A 113 23.73 -12.59 11.83
C ILE A 113 22.80 -13.68 11.48
N LYS A 114 21.52 -13.38 11.42
CA LYS A 114 20.53 -14.40 11.11
C LYS A 114 19.29 -13.73 10.55
N ILE A 115 18.78 -14.27 9.45
CA ILE A 115 17.55 -13.76 8.88
C ILE A 115 16.42 -13.90 9.91
N PRO A 116 15.56 -12.92 9.95
CA PRO A 116 14.37 -12.97 10.77
C PRO A 116 13.37 -13.81 10.05
N GLN A 117 12.44 -14.34 10.84
CA GLN A 117 11.43 -15.26 10.36
C GLN A 117 10.58 -14.70 9.22
N PHE A 118 10.42 -15.48 8.12
CA PHE A 118 9.62 -15.04 6.98
C PHE A 118 8.45 -15.86 6.56
N GLU A 119 7.36 -15.19 6.21
CA GLU A 119 6.19 -15.82 5.63
C GLU A 119 6.45 -16.19 4.17
N GLU A 120 6.34 -17.48 3.85
CA GLU A 120 6.45 -17.96 2.48
C GLU A 120 5.66 -17.09 1.51
N TYR A 121 4.64 -16.40 2.01
CA TYR A 121 3.73 -15.72 1.12
C TYR A 121 4.09 -14.23 1.09
N ASP A 122 4.82 -13.78 2.09
CA ASP A 122 5.61 -12.58 1.87
C ASP A 122 6.68 -12.83 0.82
N LEU A 123 7.24 -14.03 0.86
CA LEU A 123 8.26 -14.44 -0.11
C LEU A 123 7.78 -14.60 -1.56
N LYS A 124 6.48 -14.85 -1.77
CA LYS A 124 5.97 -14.92 -3.13
C LYS A 124 5.82 -13.55 -3.80
N VAL A 125 5.92 -12.47 -3.01
CA VAL A 125 5.87 -11.12 -3.58
C VAL A 125 7.23 -10.40 -3.47
N SER A 126 8.25 -11.14 -3.05
CA SER A 126 9.55 -10.51 -2.77
C SER A 126 10.57 -10.69 -3.86
N SER A 127 11.13 -9.55 -4.27
CA SER A 127 12.30 -9.45 -5.14
C SER A 127 13.61 -9.37 -4.37
N PHE A 128 13.52 -8.84 -3.16
CA PHE A 128 14.68 -8.77 -2.29
C PHE A 128 14.19 -8.93 -0.86
N VAL A 129 15.09 -9.18 0.07
CA VAL A 129 14.72 -9.25 1.49
C VAL A 129 15.48 -8.22 2.35
N GLY A 130 14.74 -7.42 3.09
CA GLY A 130 15.35 -6.39 3.89
C GLY A 130 14.80 -6.47 5.29
N TRP A 131 15.67 -6.32 6.28
CA TRP A 131 15.17 -6.31 7.65
C TRP A 131 15.94 -5.33 8.50
N ASN A 132 15.29 -4.78 9.52
CA ASN A 132 15.97 -3.76 10.29
C ASN A 132 16.43 -4.32 11.60
N GLU A 133 17.63 -3.89 11.98
CA GLU A 133 18.23 -4.23 13.26
C GLU A 133 18.51 -2.95 14.03
N LEU A 134 17.80 -2.80 15.14
CA LEU A 134 17.75 -1.59 15.97
C LEU A 134 19.04 -1.07 16.61
N ALA A 135 19.70 -1.91 17.39
CA ALA A 135 20.93 -1.48 18.03
C ALA A 135 21.90 -0.90 17.00
N SER A 136 21.92 -1.52 15.81
CA SER A 136 22.84 -1.12 14.75
C SER A 136 22.30 -0.05 13.82
N ASN A 137 21.02 0.27 13.93
CA ASN A 137 20.41 1.22 13.01
C ASN A 137 20.70 0.81 11.56
N ARG A 138 20.64 -0.48 11.30
CA ARG A 138 20.98 -1.00 9.99
C ARG A 138 19.72 -1.54 9.35
N LYS A 139 19.67 -1.45 8.04
CA LYS A 139 18.80 -2.29 7.26
C LYS A 139 19.71 -3.19 6.45
N TYR A 140 19.45 -4.48 6.52
CA TYR A 140 20.14 -5.45 5.68
C TYR A 140 19.24 -5.76 4.49
N ILE A 141 19.87 -5.92 3.34
CA ILE A 141 19.19 -6.26 2.11
C ILE A 141 19.92 -7.42 1.46
N ILE A 142 19.19 -8.47 1.08
CA ILE A 142 19.76 -9.54 0.25
C ILE A 142 18.92 -9.67 -0.96
N TYR A 143 19.52 -10.10 -2.05
CA TYR A 143 18.80 -10.25 -3.30
C TYR A 143 19.66 -11.14 -4.17
N TYR A 144 19.18 -11.49 -5.35
CA TYR A 144 19.97 -12.22 -6.35
C TYR A 144 20.11 -11.22 -7.48
N ASP A 145 21.32 -11.16 -8.01
CA ASP A 145 21.61 -10.28 -9.12
C ASP A 145 21.14 -10.93 -10.38
N GLU A 146 21.38 -10.31 -11.51
CA GLU A 146 20.90 -10.78 -12.80
C GLU A 146 21.52 -12.09 -13.20
N LYS A 147 22.57 -12.45 -12.51
CA LYS A 147 23.25 -13.71 -12.72
C LYS A 147 22.84 -14.72 -11.70
N LYS A 148 21.84 -14.36 -10.92
CA LYS A 148 21.28 -15.25 -9.93
C LYS A 148 22.24 -15.56 -8.78
N GLN A 149 23.28 -14.77 -8.60
CA GLN A 149 24.15 -14.98 -7.45
C GLN A 149 23.65 -14.17 -6.27
N LEU A 150 23.72 -14.79 -5.10
CA LEU A 150 23.32 -14.14 -3.87
C LEU A 150 24.23 -12.98 -3.52
N LYS A 151 23.62 -11.85 -3.21
CA LYS A 151 24.33 -10.66 -2.81
C LYS A 151 23.72 -10.11 -1.56
N GLY A 152 24.47 -9.37 -0.80
CA GLY A 152 23.94 -8.79 0.42
C GLY A 152 24.65 -7.51 0.70
N LEU A 153 23.96 -6.59 1.34
CA LEU A 153 24.57 -5.36 1.78
C LEU A 153 23.81 -4.90 2.99
N TYR A 154 24.37 -3.94 3.72
CA TYR A 154 23.62 -3.25 4.77
C TYR A 154 23.92 -1.77 4.74
N GLY A 155 23.07 -0.97 5.38
CA GLY A 155 23.32 0.45 5.47
C GLY A 155 22.65 1.06 6.67
N GLU A 156 22.90 2.30 6.95
CA GLU A 156 22.23 2.95 8.01
C GLU A 156 20.87 3.46 7.54
N ILE A 157 19.85 3.17 8.31
CA ILE A 157 18.54 3.66 8.01
C ILE A 157 18.15 4.59 9.12
N SER A 158 17.83 5.81 8.75
CA SER A 158 17.57 6.82 9.72
C SER A 158 16.24 6.68 10.42
N ASN A 159 16.19 7.10 11.67
CA ASN A 159 15.02 6.97 12.54
C ASN A 159 13.79 7.69 12.11
N GLN A 160 14.00 8.85 11.58
CA GLN A 160 12.94 9.70 11.04
C GLN A 160 12.14 9.02 9.92
N VAL A 161 10.83 9.10 10.01
CA VAL A 161 9.97 8.61 8.95
C VAL A 161 9.34 9.79 8.28
N VAL A 162 9.37 9.77 6.96
CA VAL A 162 8.79 10.84 6.15
C VAL A 162 7.87 10.23 5.09
N LYS A 163 6.98 11.05 4.59
CA LYS A 163 5.97 10.57 3.69
C LYS A 163 6.45 10.99 2.31
N GLY A 164 6.79 10.02 1.48
CA GLY A 164 7.49 10.31 0.25
C GLY A 164 7.54 9.13 -0.67
N PHE A 165 8.06 9.36 -1.87
CA PHE A 165 8.19 8.26 -2.82
C PHE A 165 9.42 7.42 -2.55
N CYS A 166 9.21 6.12 -2.39
CA CYS A 166 10.32 5.21 -2.17
C CYS A 166 11.20 5.14 -3.45
N THR A 167 12.52 5.23 -3.29
CA THR A 167 13.44 5.14 -4.45
C THR A 167 13.48 3.75 -5.10
N ILE A 168 13.15 2.72 -4.33
CA ILE A 168 13.11 1.34 -4.81
C ILE A 168 11.84 0.99 -5.54
N CYS A 169 10.72 1.16 -4.85
CA CYS A 169 9.43 0.71 -5.41
C CYS A 169 8.70 1.83 -6.13
N ASN A 170 9.18 3.06 -5.94
CA ASN A 170 8.59 4.20 -6.64
C ASN A 170 7.15 4.52 -6.17
N LYS A 171 6.77 4.08 -4.99
CA LYS A 171 5.48 4.41 -4.41
C LYS A 171 5.55 5.39 -3.23
N GLU A 172 4.51 6.18 -3.07
CA GLU A 172 4.45 7.12 -1.97
C GLU A 172 4.20 6.32 -0.69
N SER A 173 5.13 6.39 0.25
CA SER A 173 5.14 5.44 1.36
C SER A 173 5.76 6.09 2.56
N ASN A 174 5.84 5.33 3.64
CA ASN A 174 6.59 5.73 4.78
C ASN A 174 8.05 5.35 4.54
N VAL A 175 8.85 6.37 4.30
CA VAL A 175 10.23 6.18 3.88
C VAL A 175 11.24 6.78 4.84
N SER A 176 12.45 6.23 4.79
CA SER A 176 13.57 6.72 5.57
C SER A 176 14.84 6.77 4.73
N LEU A 177 15.73 7.68 5.10
CA LEU A 177 16.99 7.83 4.39
C LEU A 177 17.86 6.60 4.68
N PHE A 178 18.27 5.91 3.60
CA PHE A 178 19.15 4.77 3.71
C PHE A 178 20.56 5.15 3.13
N MET A 179 21.59 5.01 3.96
CA MET A 179 22.98 5.34 3.58
C MET A 179 23.96 4.14 3.66
N LYS A 180 24.64 3.84 2.58
CA LYS A 180 25.61 2.77 2.61
C LYS A 180 27.03 3.35 2.60
N LYS A 181 27.86 2.87 3.50
CA LYS A 181 29.31 3.11 3.47
C LYS A 181 30.05 2.25 2.48
N SER A 182 30.68 2.86 1.50
CA SER A 182 31.55 2.19 0.53
C SER A 182 32.71 1.58 1.28
N LYS A 183 33.51 0.78 0.58
CA LYS A 183 34.72 0.29 1.16
C LYS A 183 35.53 1.47 1.70
N THR A 184 36.12 1.20 2.84
CA THR A 184 36.98 2.12 3.57
C THR A 184 38.37 2.22 2.96
N GLN A 189 38.82 6.52 6.69
CA GLN A 189 38.44 7.24 5.49
C GLN A 189 37.55 6.42 4.51
N TYR A 190 36.25 6.74 4.45
CA TYR A 190 35.27 6.11 3.55
C TYR A 190 34.11 7.03 3.10
N VAL A 191 33.44 6.63 2.02
CA VAL A 191 32.27 7.26 1.38
C VAL A 191 30.90 6.66 1.75
N LYS A 192 29.90 7.54 1.78
CA LYS A 192 28.52 7.31 2.16
C LYS A 192 27.49 7.72 1.06
N LYS A 193 26.68 6.79 0.60
CA LYS A 193 25.76 7.07 -0.51
C LYS A 193 24.42 6.44 -0.19
N GLY A 194 23.37 6.93 -0.86
CA GLY A 194 22.04 6.36 -0.71
C GLY A 194 20.86 7.33 -0.95
N ASP A 195 19.69 6.97 -0.46
CA ASP A 195 18.48 7.71 -0.76
C ASP A 195 17.36 7.14 0.09
N TYR A 196 16.16 7.73 -0.02
CA TYR A 196 15.00 7.34 0.78
C TYR A 196 14.31 6.09 0.26
N ILE A 197 14.09 5.14 1.16
CA ILE A 197 13.38 3.90 0.80
C ILE A 197 12.40 3.53 1.90
N CYS A 198 11.45 2.66 1.57
CA CYS A 198 10.47 2.21 2.56
C CYS A 198 11.17 1.69 3.82
N ARG A 199 10.73 2.16 4.96
CA ARG A 199 11.23 1.64 6.19
C ARG A 199 10.86 0.16 6.30
N ASP A 200 9.65 -0.18 5.87
CA ASP A 200 9.17 -1.59 5.95
C ASP A 200 9.39 -2.29 4.58
N SER A 201 10.43 -3.11 4.45
CA SER A 201 10.79 -3.70 3.16
C SER A 201 9.83 -4.75 2.62
N ILE A 202 9.05 -5.38 3.49
CA ILE A 202 8.05 -6.34 3.04
C ILE A 202 6.99 -5.65 2.26
N HIS A 203 6.57 -4.51 2.76
CA HIS A 203 5.58 -3.73 2.11
C HIS A 203 6.16 -3.13 0.83
N CYS A 204 7.42 -2.75 0.88
CA CYS A 204 8.18 -2.28 -0.27
C CYS A 204 8.12 -3.34 -1.43
N ASN A 205 8.45 -4.57 -1.10
CA ASN A 205 8.45 -5.64 -2.08
C ASN A 205 7.08 -5.83 -2.73
N LYS A 206 6.03 -5.70 -1.91
CA LYS A 206 4.67 -5.80 -2.45
C LYS A 206 4.31 -4.69 -3.46
N GLN A 207 4.93 -3.54 -3.32
CA GLN A 207 4.65 -2.41 -4.19
C GLN A 207 5.56 -2.38 -5.39
N LEU A 208 6.53 -3.28 -5.42
CA LEU A 208 7.57 -3.24 -6.44
C LEU A 208 7.14 -4.09 -7.65
N THR A 209 6.90 -3.37 -8.73
CA THR A 209 6.37 -3.95 -9.94
C THR A 209 7.44 -3.94 -11.06
N ASP A 210 8.60 -3.33 -10.79
CA ASP A 210 9.66 -3.25 -11.82
C ASP A 210 11.05 -3.45 -11.18
N ILE A 211 11.62 -4.63 -11.34
CA ILE A 211 12.86 -4.91 -10.63
C ILE A 211 14.07 -4.04 -11.09
N ASN A 212 14.01 -3.46 -12.27
CA ASN A 212 15.05 -2.55 -12.66
C ASN A 212 15.27 -1.39 -11.71
N GLN A 213 14.20 -0.93 -11.10
CA GLN A 213 14.30 0.14 -10.16
C GLN A 213 15.08 -0.27 -8.94
N PHE A 214 14.86 -1.50 -8.50
CA PHE A 214 15.63 -2.02 -7.38
C PHE A 214 17.12 -2.11 -7.83
N TYR A 215 17.38 -2.70 -8.99
CA TYR A 215 18.78 -2.81 -9.41
C TYR A 215 19.41 -1.43 -9.62
N ASN A 216 18.65 -0.46 -10.12
CA ASN A 216 19.17 0.89 -10.25
C ASN A 216 19.50 1.52 -8.88
N PHE A 217 18.64 1.29 -7.91
CA PHE A 217 18.91 1.77 -6.57
C PHE A 217 20.25 1.14 -6.12
N ILE A 218 20.41 -0.17 -6.33
CA ILE A 218 21.65 -0.87 -5.97
C ILE A 218 22.81 -0.21 -6.71
N ASP A 219 22.68 0.05 -8.01
CA ASP A 219 23.83 0.63 -8.69
C ASP A 219 24.20 2.00 -8.15
N LYS A 220 23.23 2.82 -7.78
CA LYS A 220 23.61 4.16 -7.30
C LYS A 220 24.37 4.12 -5.95
N LEU A 221 24.22 3.06 -5.19
CA LEU A 221 24.95 2.96 -3.92
C LEU A 221 26.45 2.71 -4.12
N ASP A 222 26.85 2.49 -5.37
CA ASP A 222 28.25 2.22 -5.69
C ASP A 222 28.74 0.88 -5.12
N GLY B 9 -11.47 32.63 8.41
CA GLY B 9 -10.21 33.29 8.13
C GLY B 9 -9.01 32.40 8.38
N MET B 10 -9.25 31.10 8.37
CA MET B 10 -8.18 30.12 8.60
C MET B 10 -8.20 29.03 7.54
N LYS B 11 -7.52 27.92 7.83
CA LYS B 11 -7.45 26.80 6.90
C LYS B 11 -8.63 25.85 7.09
N THR B 12 -9.41 25.66 6.02
CA THR B 12 -10.56 24.79 6.07
C THR B 12 -10.19 23.37 6.58
N MET B 13 -11.05 22.81 7.43
CA MET B 13 -10.89 21.49 8.03
C MET B 13 -11.50 20.32 7.24
N ILE B 14 -10.70 19.29 6.99
CA ILE B 14 -11.19 18.09 6.33
C ILE B 14 -10.88 16.89 7.19
N TYR B 15 -11.61 15.79 6.95
CA TYR B 15 -11.43 14.57 7.71
C TYR B 15 -10.32 13.77 7.06
N PRO B 16 -9.66 12.90 7.84
CA PRO B 16 -8.61 11.98 7.41
C PRO B 16 -9.01 11.19 6.15
N HIS B 17 -10.21 10.64 6.12
CA HIS B 17 -10.61 9.86 4.97
C HIS B 17 -10.68 10.79 3.75
N GLN B 18 -10.99 12.07 3.97
CA GLN B 18 -11.03 12.96 2.82
C GLN B 18 -9.63 13.21 2.26
N TYR B 19 -8.66 13.31 3.16
CA TYR B 19 -7.28 13.41 2.74
C TYR B 19 -6.86 12.11 2.00
N ASN B 20 -7.23 10.95 2.55
CA ASN B 20 -6.85 9.66 1.93
C ASN B 20 -7.43 9.56 0.50
N TYR B 21 -8.67 10.05 0.32
CA TYR B 21 -9.38 10.07 -0.96
C TYR B 21 -8.65 10.99 -1.93
N ILE B 22 -8.25 12.17 -1.43
CA ILE B 22 -7.50 13.11 -2.22
C ILE B 22 -6.18 12.51 -2.69
N ARG B 23 -5.46 11.86 -1.79
CA ARG B 23 -4.20 11.23 -2.18
C ARG B 23 -4.38 10.19 -3.29
N SER B 24 -5.36 9.32 -3.13
CA SER B 24 -5.67 8.26 -4.10
C SER B 24 -5.98 8.86 -5.50
N VAL B 25 -6.86 9.85 -5.59
CA VAL B 25 -7.19 10.39 -6.91
C VAL B 25 -5.98 11.17 -7.48
N ILE B 26 -5.16 11.75 -6.62
CA ILE B 26 -3.94 12.36 -7.13
C ILE B 26 -2.99 11.32 -7.74
N LEU B 27 -2.79 10.19 -7.07
CA LEU B 27 -1.86 9.20 -7.62
C LEU B 27 -2.44 8.64 -8.93
N ARG B 28 -3.74 8.47 -8.97
CA ARG B 28 -4.46 8.07 -10.15
C ARG B 28 -4.29 9.10 -11.29
N LEU B 29 -4.42 10.37 -11.03
CA LEU B 29 -4.20 11.41 -12.06
C LEU B 29 -2.77 11.26 -12.62
N LYS B 30 -1.79 11.05 -11.75
CA LYS B 30 -0.44 10.89 -12.25
C LYS B 30 -0.38 9.73 -13.23
N ASN B 31 -1.05 8.63 -12.91
CA ASN B 31 -1.03 7.50 -13.80
C ASN B 31 -1.72 7.76 -15.12
N VAL B 32 -2.77 8.57 -15.07
CA VAL B 32 -3.42 8.97 -16.31
C VAL B 32 -2.50 9.83 -17.15
N TYR B 33 -1.84 10.78 -16.49
CA TYR B 33 -0.86 11.59 -17.19
C TYR B 33 0.18 10.68 -17.83
N LYS B 34 0.72 9.73 -17.05
CA LYS B 34 1.75 8.84 -17.62
C LYS B 34 1.31 7.95 -18.80
N THR B 35 0.12 7.35 -18.71
CA THR B 35 -0.25 6.18 -19.55
C THR B 35 -1.47 6.29 -20.47
N VAL B 36 -2.21 7.38 -20.42
CA VAL B 36 -3.44 7.54 -21.20
C VAL B 36 -3.31 8.60 -22.26
N ASN B 37 -3.56 8.18 -23.48
CA ASN B 37 -3.34 9.03 -24.60
C ASN B 37 -4.45 9.82 -25.21
N ASP B 38 -5.68 9.47 -24.90
CA ASP B 38 -6.78 10.27 -25.38
C ASP B 38 -6.89 11.64 -24.70
N LYS B 39 -6.67 12.70 -25.48
CA LYS B 39 -6.59 14.06 -24.95
C LYS B 39 -7.86 14.48 -24.20
N GLU B 40 -9.02 14.19 -24.80
CA GLU B 40 -10.28 14.59 -24.20
C GLU B 40 -10.62 13.82 -22.92
N THR B 41 -10.23 12.54 -22.83
CA THR B 41 -10.45 11.74 -21.61
C THR B 41 -9.55 12.28 -20.47
N VAL B 42 -8.33 12.60 -20.83
CA VAL B 42 -7.44 13.17 -19.88
C VAL B 42 -8.12 14.45 -19.36
N LYS B 43 -8.67 15.23 -20.27
CA LYS B 43 -9.34 16.48 -19.89
C LYS B 43 -10.54 16.27 -18.95
N VAL B 44 -11.35 15.26 -19.20
CA VAL B 44 -12.50 14.98 -18.36
C VAL B 44 -12.00 14.64 -16.97
N ILE B 45 -10.99 13.80 -16.91
CA ILE B 45 -10.41 13.38 -15.64
C ILE B 45 -9.72 14.51 -14.84
N GLN B 46 -9.06 15.41 -15.54
CA GLN B 46 -8.48 16.57 -14.88
C GLN B 46 -9.59 17.34 -14.17
N SER B 47 -10.68 17.60 -14.90
CA SER B 47 -11.78 18.38 -14.34
C SER B 47 -12.42 17.62 -13.19
N GLU B 48 -12.53 16.31 -13.33
CA GLU B 48 -13.09 15.51 -12.25
C GLU B 48 -12.24 15.55 -10.97
N THR B 49 -10.93 15.40 -11.12
CA THR B 49 -10.05 15.39 -9.97
C THR B 49 -10.13 16.75 -9.30
N TYR B 50 -10.10 17.77 -10.13
CA TYR B 50 -10.19 19.13 -9.69
C TYR B 50 -11.47 19.38 -8.92
N ASN B 51 -12.61 18.96 -9.46
CA ASN B 51 -13.87 19.17 -8.76
C ASN B 51 -13.97 18.37 -7.45
N ASP B 52 -13.54 17.11 -7.48
CA ASP B 52 -13.53 16.25 -6.29
C ASP B 52 -12.76 16.97 -5.19
N ILE B 53 -11.60 17.52 -5.55
CA ILE B 53 -10.68 18.18 -4.63
C ILE B 53 -11.39 19.48 -4.28
N ASN B 54 -11.90 20.16 -5.29
CA ASN B 54 -12.66 21.35 -5.10
C ASN B 54 -13.82 21.16 -4.13
N GLU B 55 -14.57 20.09 -4.37
CA GLU B 55 -15.72 19.69 -3.59
C GLU B 55 -15.39 19.27 -2.17
N ILE B 56 -14.29 18.58 -1.96
CA ILE B 56 -13.93 18.23 -0.61
C ILE B 56 -13.60 19.43 0.25
N PHE B 57 -12.89 20.36 -0.33
CA PHE B 57 -12.48 21.54 0.38
C PHE B 57 -13.58 22.51 0.77
N GLY B 58 -14.56 22.72 -0.07
CA GLY B 58 -15.47 23.78 0.26
C GLY B 58 -14.94 25.02 -0.42
N HIS B 59 -14.12 25.79 0.29
CA HIS B 59 -13.52 27.00 -0.26
C HIS B 59 -12.04 26.79 -0.60
N ILE B 60 -11.60 27.46 -1.66
CA ILE B 60 -10.26 27.41 -2.12
C ILE B 60 -9.43 28.58 -1.71
N ASP B 61 -8.49 28.39 -0.82
CA ASP B 61 -7.53 29.43 -0.49
C ASP B 61 -6.39 29.33 -1.51
N ASP B 62 -5.43 30.20 -1.41
CA ASP B 62 -4.34 30.23 -2.37
C ASP B 62 -3.45 28.99 -2.45
N ASP B 63 -3.23 28.31 -1.36
CA ASP B 63 -2.40 27.10 -1.42
C ASP B 63 -3.10 26.02 -2.20
N ILE B 64 -4.38 25.83 -1.97
CA ILE B 64 -5.08 24.87 -2.79
C ILE B 64 -5.09 25.27 -4.26
N GLU B 65 -5.35 26.53 -4.55
CA GLU B 65 -5.37 27.00 -5.93
C GLU B 65 -4.04 26.72 -6.62
N GLU B 66 -2.94 27.03 -5.95
CA GLU B 66 -1.64 26.75 -6.53
C GLU B 66 -1.41 25.25 -6.72
N SER B 67 -1.78 24.43 -5.72
CA SER B 67 -1.65 22.98 -5.84
C SER B 67 -2.42 22.44 -7.00
N LEU B 68 -3.66 22.90 -7.15
CA LEU B 68 -4.49 22.44 -8.25
C LEU B 68 -3.86 22.80 -9.57
N LYS B 69 -3.28 23.99 -9.66
CA LYS B 69 -2.62 24.42 -10.89
C LYS B 69 -1.49 23.45 -11.20
N VAL B 70 -0.71 23.08 -10.21
CA VAL B 70 0.37 22.14 -10.39
C VAL B 70 -0.19 20.78 -10.76
N LEU B 71 -1.26 20.36 -10.12
CA LEU B 71 -1.89 19.05 -10.41
C LEU B 71 -2.44 18.98 -11.82
N MET B 72 -2.94 20.12 -12.31
CA MET B 72 -3.59 20.17 -13.61
C MET B 72 -2.58 20.21 -14.76
N ASN B 73 -1.29 20.25 -14.44
CA ASN B 73 -0.24 20.24 -15.46
C ASN B 73 0.23 18.84 -15.75
N ILE B 74 0.22 18.49 -17.02
CA ILE B 74 0.54 17.16 -17.40
C ILE B 74 1.97 16.75 -17.14
N ARG B 75 2.83 17.70 -16.84
CA ARG B 75 4.22 17.39 -16.47
C ARG B 75 4.44 17.15 -14.98
N LEU B 76 3.34 16.96 -14.24
CA LEU B 76 3.39 16.76 -12.80
C LEU B 76 4.41 15.68 -12.37
N SER B 77 5.23 16.01 -11.39
CA SER B 77 6.30 15.14 -10.90
C SER B 77 5.97 14.60 -9.53
N ASN B 78 6.69 13.55 -9.14
CA ASN B 78 6.61 12.96 -7.82
C ASN B 78 6.91 13.94 -6.74
N LYS B 79 7.95 14.72 -6.98
CA LYS B 79 8.43 15.73 -6.06
C LYS B 79 7.32 16.74 -5.77
N GLU B 80 6.65 17.19 -6.83
CA GLU B 80 5.55 18.13 -6.75
C GLU B 80 4.40 17.51 -5.96
N ILE B 81 4.15 16.23 -6.24
CA ILE B 81 3.14 15.44 -5.55
C ILE B 81 3.43 15.38 -4.05
N GLU B 82 4.67 15.10 -3.66
CA GLU B 82 4.98 15.03 -2.23
C GLU B 82 4.71 16.36 -1.52
N ALA B 83 5.06 17.45 -2.19
CA ALA B 83 4.84 18.77 -1.67
C ALA B 83 3.35 19.02 -1.50
N ILE B 84 2.59 18.61 -2.50
CA ILE B 84 1.14 18.80 -2.48
C ILE B 84 0.45 17.95 -1.41
N LEU B 85 0.90 16.71 -1.27
CA LEU B 85 0.38 15.82 -0.23
C LEU B 85 0.66 16.43 1.17
N ASN B 86 1.85 16.98 1.32
CA ASN B 86 2.25 17.60 2.55
C ASN B 86 1.41 18.84 2.91
N LYS B 87 1.11 19.67 1.93
CA LYS B 87 0.29 20.80 2.12
C LYS B 87 -1.13 20.43 2.50
N PHE B 88 -1.75 19.56 1.73
CA PHE B 88 -3.08 19.05 2.08
C PHE B 88 -3.17 18.47 3.48
N LEU B 89 -2.08 17.85 3.93
CA LEU B 89 -2.06 17.24 5.25
C LEU B 89 -2.29 18.32 6.36
N GLU B 90 -1.89 19.56 6.13
CA GLU B 90 -2.09 20.66 7.11
C GLU B 90 -3.56 20.98 7.38
N TYR B 91 -4.42 20.57 6.44
CA TYR B 91 -5.83 20.87 6.50
C TYR B 91 -6.59 19.82 7.28
N VAL B 92 -5.95 18.71 7.60
CA VAL B 92 -6.62 17.58 8.21
C VAL B 92 -6.78 17.76 9.71
N VAL B 93 -7.97 17.45 10.21
CA VAL B 93 -8.23 17.38 11.64
C VAL B 93 -7.99 15.95 12.11
N PRO B 94 -6.97 15.75 12.95
CA PRO B 94 -6.60 14.36 13.28
C PRO B 94 -7.59 13.67 14.20
N PHE B 95 -7.58 12.33 14.13
CA PHE B 95 -8.31 11.54 15.09
C PHE B 95 -7.90 11.89 16.53
N GLU B 96 -8.89 12.12 17.41
CA GLU B 96 -8.57 12.45 18.81
C GLU B 96 -8.63 11.23 19.68
N LEU B 97 -7.50 10.75 20.17
CA LEU B 97 -7.60 9.61 21.08
C LEU B 97 -8.26 10.04 22.38
N PRO B 98 -9.19 9.25 22.91
CA PRO B 98 -9.88 9.54 24.16
C PRO B 98 -8.95 9.29 25.32
N SER B 99 -9.19 10.01 26.40
CA SER B 99 -8.53 9.80 27.66
C SER B 99 -8.86 8.41 28.16
N PRO B 100 -8.04 7.87 29.06
CA PRO B 100 -8.15 6.56 29.70
C PRO B 100 -9.51 6.54 30.36
N GLN B 101 -9.98 7.65 30.91
CA GLN B 101 -11.33 7.70 31.48
C GLN B 101 -12.45 7.30 30.50
N LYS B 102 -12.58 8.03 29.40
CA LYS B 102 -13.63 7.71 28.48
C LYS B 102 -13.29 6.42 27.79
N LEU B 103 -12.01 6.16 27.71
CA LEU B 103 -11.49 4.93 27.10
C LEU B 103 -11.95 3.68 27.83
N GLN B 104 -11.47 3.44 29.05
CA GLN B 104 -11.88 2.26 29.82
C GLN B 104 -13.39 2.26 30.12
N LYS B 105 -13.99 3.43 30.28
CA LYS B 105 -15.44 3.48 30.48
C LYS B 105 -16.18 2.72 29.38
N VAL B 106 -15.81 2.96 28.11
CA VAL B 106 -16.47 2.30 26.97
C VAL B 106 -16.30 0.78 27.00
N PHE B 107 -15.16 0.32 27.54
CA PHE B 107 -14.90 -1.12 27.62
C PHE B 107 -14.84 -1.53 29.10
N LYS B 108 -15.95 -1.55 29.77
CA LYS B 108 -16.11 -1.82 31.18
C LYS B 108 -15.63 -3.21 31.62
N LYS B 109 -15.87 -4.21 30.80
CA LYS B 109 -15.67 -5.64 31.10
C LYS B 109 -14.26 -6.18 31.36
N VAL B 110 -13.24 -5.42 30.98
CA VAL B 110 -11.85 -5.87 31.09
C VAL B 110 -11.03 -4.65 31.47
N LYS B 111 -10.39 -4.61 32.62
CA LYS B 111 -9.64 -3.41 32.98
C LYS B 111 -8.21 -3.40 32.50
N LYS B 114 -4.91 -1.76 27.41
CA LYS B 114 -3.52 -1.51 27.03
C LYS B 114 -3.48 -0.75 25.73
N ILE B 115 -3.72 0.54 25.84
CA ILE B 115 -3.84 1.39 24.67
C ILE B 115 -2.47 1.65 24.06
N PRO B 116 -2.34 1.59 22.73
CA PRO B 116 -1.03 1.78 22.16
C PRO B 116 -0.93 3.21 21.76
N GLN B 117 0.25 3.81 21.89
CA GLN B 117 0.47 5.19 21.45
C GLN B 117 0.69 5.22 19.94
N PHE B 118 0.08 6.23 19.32
CA PHE B 118 0.12 6.44 17.90
C PHE B 118 0.79 7.79 17.57
N GLU B 119 1.52 7.82 16.47
CA GLU B 119 2.18 9.04 16.00
C GLU B 119 1.17 10.05 15.45
N GLU B 120 1.52 11.32 15.50
CA GLU B 120 0.62 12.34 15.01
C GLU B 120 0.21 12.09 13.57
N TYR B 121 1.18 11.73 12.71
CA TYR B 121 0.87 11.46 11.31
C TYR B 121 -0.15 10.33 11.16
N ASP B 122 -0.01 9.25 11.93
CA ASP B 122 -0.94 8.13 11.79
C ASP B 122 -2.37 8.54 12.08
N LEU B 123 -2.53 9.42 13.05
CA LEU B 123 -3.82 9.98 13.45
C LEU B 123 -4.46 10.91 12.42
N LYS B 124 -3.65 11.60 11.63
CA LYS B 124 -4.16 12.49 10.60
C LYS B 124 -4.72 11.68 9.46
N VAL B 125 -4.42 10.38 9.43
CA VAL B 125 -5.02 9.50 8.41
C VAL B 125 -6.02 8.47 8.96
N SER B 126 -6.36 8.58 10.24
CA SER B 126 -7.19 7.56 10.90
C SER B 126 -8.64 7.99 11.06
N SER B 127 -9.59 7.16 10.62
CA SER B 127 -10.99 7.39 10.94
C SER B 127 -11.36 6.53 12.15
N PHE B 128 -10.59 5.48 12.38
CA PHE B 128 -10.79 4.67 13.56
C PHE B 128 -9.44 4.18 14.04
N VAL B 129 -9.40 3.67 15.27
CA VAL B 129 -8.20 3.04 15.80
C VAL B 129 -8.40 1.58 16.18
N GLY B 130 -7.58 0.70 15.63
CA GLY B 130 -7.71 -0.70 15.90
C GLY B 130 -6.40 -1.27 16.37
N TRP B 131 -6.47 -2.16 17.36
CA TRP B 131 -5.27 -2.84 17.85
C TRP B 131 -5.53 -4.27 18.28
N ASN B 132 -4.47 -5.07 18.18
CA ASN B 132 -4.54 -6.49 18.43
C ASN B 132 -3.93 -7.07 19.71
N GLU B 133 -4.69 -6.98 20.81
CA GLU B 133 -4.36 -7.65 22.07
C GLU B 133 -4.17 -9.13 21.83
N LEU B 134 -3.00 -9.67 22.08
CA LEU B 134 -2.71 -11.05 21.70
C LEU B 134 -3.17 -12.13 22.70
N ALA B 135 -3.15 -11.80 23.96
CA ALA B 135 -3.56 -12.76 24.98
C ALA B 135 -4.99 -13.28 24.73
N SER B 136 -5.62 -12.79 23.66
CA SER B 136 -7.00 -13.16 23.31
C SER B 136 -7.21 -13.36 21.80
N ASN B 137 -6.19 -13.09 21.01
CA ASN B 137 -6.34 -13.13 19.56
C ASN B 137 -7.47 -12.23 19.14
N ARG B 138 -7.58 -11.17 19.91
CA ARG B 138 -8.58 -10.12 19.81
C ARG B 138 -8.07 -8.91 18.99
N LYS B 139 -9.00 -8.16 18.41
CA LYS B 139 -8.81 -6.80 17.98
C LYS B 139 -9.83 -5.87 18.51
N TYR B 140 -9.38 -4.71 18.98
CA TYR B 140 -10.24 -3.62 19.44
C TYR B 140 -10.31 -2.52 18.42
N ILE B 141 -11.45 -1.88 18.33
CA ILE B 141 -11.64 -0.78 17.42
C ILE B 141 -12.35 0.35 18.14
N ILE B 142 -11.82 1.57 18.10
CA ILE B 142 -12.58 2.70 18.61
C ILE B 142 -12.74 3.70 17.51
N TYR B 143 -13.82 4.48 17.59
CA TYR B 143 -14.15 5.46 16.58
C TYR B 143 -15.20 6.44 17.14
N TYR B 144 -15.52 7.50 16.43
CA TYR B 144 -16.59 8.40 16.78
C TYR B 144 -17.70 8.25 15.77
N ASP B 145 -18.93 8.12 16.22
CA ASP B 145 -20.05 7.96 15.30
C ASP B 145 -20.38 9.27 14.63
N GLU B 146 -21.45 9.28 13.85
CA GLU B 146 -21.78 10.45 13.05
C GLU B 146 -22.27 11.61 13.89
N LYS B 147 -22.58 11.36 15.17
CA LYS B 147 -22.94 12.44 16.10
C LYS B 147 -21.71 12.86 16.92
N LYS B 148 -20.55 12.37 16.51
CA LYS B 148 -19.26 12.70 17.13
C LYS B 148 -19.10 12.19 18.54
N GLN B 149 -19.83 11.12 18.85
CA GLN B 149 -19.75 10.42 20.12
C GLN B 149 -18.71 9.28 20.09
N LEU B 150 -17.99 9.10 21.18
CA LEU B 150 -16.99 8.03 21.23
C LEU B 150 -17.71 6.67 21.27
N LYS B 151 -17.03 5.63 20.77
CA LYS B 151 -17.53 4.25 20.72
C LYS B 151 -16.39 3.24 20.57
N GLY B 152 -16.65 2.00 20.96
CA GLY B 152 -15.67 0.95 20.86
C GLY B 152 -16.27 -0.43 20.73
N LEU B 153 -15.55 -1.36 20.11
CA LEU B 153 -15.97 -2.75 20.09
C LEU B 153 -14.72 -3.58 19.99
N TYR B 154 -14.84 -4.88 20.17
CA TYR B 154 -13.77 -5.81 19.94
C TYR B 154 -14.15 -7.19 19.49
N GLY B 155 -13.20 -7.97 19.00
CA GLY B 155 -13.51 -9.32 18.57
C GLY B 155 -12.30 -10.20 18.33
N GLU B 156 -12.55 -11.44 17.98
CA GLU B 156 -11.51 -12.38 17.63
C GLU B 156 -11.05 -12.26 16.17
N ILE B 157 -9.74 -12.30 15.94
CA ILE B 157 -9.20 -12.33 14.58
C ILE B 157 -8.40 -13.62 14.28
N SER B 158 -8.86 -14.35 13.26
CA SER B 158 -8.31 -15.62 12.80
C SER B 158 -6.85 -15.50 12.39
N ASN B 159 -6.06 -16.54 12.63
CA ASN B 159 -4.67 -16.52 12.18
C ASN B 159 -4.46 -16.70 10.67
N GLN B 160 -5.46 -17.13 9.93
CA GLN B 160 -5.32 -17.32 8.50
C GLN B 160 -5.18 -15.98 7.82
N VAL B 161 -4.00 -15.65 7.33
CA VAL B 161 -3.84 -14.53 6.41
C VAL B 161 -4.46 -14.89 5.07
N VAL B 162 -5.25 -13.98 4.54
CA VAL B 162 -5.83 -14.17 3.25
C VAL B 162 -5.56 -12.96 2.39
N LYS B 163 -5.42 -13.18 1.13
CA LYS B 163 -5.24 -12.12 0.27
C LYS B 163 -6.58 -11.95 -0.32
N GLY B 164 -7.17 -10.81 -0.01
CA GLY B 164 -8.53 -10.53 -0.41
C GLY B 164 -8.89 -9.13 0.00
N PHE B 165 -10.10 -8.73 -0.40
CA PHE B 165 -10.60 -7.39 -0.13
C PHE B 165 -11.15 -7.22 1.28
N CYS B 166 -10.67 -6.18 1.95
CA CYS B 166 -11.04 -5.88 3.32
C CYS B 166 -12.48 -5.37 3.39
N THR B 167 -13.25 -5.85 4.36
CA THR B 167 -14.65 -5.43 4.48
C THR B 167 -14.81 -3.96 4.86
N ILE B 168 -13.81 -3.44 5.56
CA ILE B 168 -13.78 -2.05 6.00
C ILE B 168 -13.30 -1.08 4.95
N CYS B 169 -12.08 -1.29 4.43
CA CYS B 169 -11.51 -0.30 3.49
C CYS B 169 -11.77 -0.64 2.00
N ASN B 170 -12.25 -1.84 1.75
CA ASN B 170 -12.61 -2.25 0.40
C ASN B 170 -11.43 -2.37 -0.57
N LYS B 171 -10.24 -2.51 -0.01
CA LYS B 171 -9.01 -2.72 -0.76
C LYS B 171 -8.41 -4.12 -0.61
N GLU B 172 -7.72 -4.57 -1.63
CA GLU B 172 -7.10 -5.90 -1.61
C GLU B 172 -5.86 -5.91 -0.71
N SER B 173 -5.87 -6.77 0.30
CA SER B 173 -4.91 -6.64 1.39
C SER B 173 -4.67 -8.00 2.00
N ASN B 174 -3.81 -8.03 3.01
CA ASN B 174 -3.71 -9.21 3.82
C ASN B 174 -4.83 -9.12 4.85
N VAL B 175 -5.87 -9.92 4.69
CA VAL B 175 -7.05 -9.78 5.53
C VAL B 175 -7.29 -11.05 6.32
N SER B 176 -7.95 -10.88 7.45
CA SER B 176 -8.33 -11.97 8.33
C SER B 176 -9.76 -11.84 8.82
N LEU B 177 -10.31 -12.98 9.22
CA LEU B 177 -11.70 -13.03 9.67
C LEU B 177 -11.83 -12.39 11.03
N PHE B 178 -12.69 -11.37 11.10
CA PHE B 178 -12.95 -10.67 12.34
C PHE B 178 -14.35 -11.06 12.80
N MET B 179 -14.47 -11.54 14.04
CA MET B 179 -15.76 -12.02 14.58
C MET B 179 -16.12 -11.33 15.88
N LYS B 180 -17.08 -10.43 15.84
CA LYS B 180 -17.40 -9.65 17.04
C LYS B 180 -17.71 -10.48 18.29
N LYS B 181 -17.18 -9.98 19.42
CA LYS B 181 -17.57 -10.41 20.75
C LYS B 181 -17.74 -9.19 21.67
N SER B 182 -18.99 -8.75 21.84
CA SER B 182 -19.28 -7.59 22.68
C SER B 182 -19.48 -8.01 24.13
N VAL B 191 -23.12 -14.89 16.49
CA VAL B 191 -24.36 -15.10 15.72
C VAL B 191 -24.22 -14.87 14.19
N LYS B 192 -23.67 -13.76 13.75
CA LYS B 192 -23.26 -13.59 12.37
C LYS B 192 -21.93 -14.28 12.09
N LYS B 193 -21.65 -14.55 10.84
CA LYS B 193 -20.33 -14.97 10.41
C LYS B 193 -19.31 -13.82 10.42
N GLY B 194 -18.06 -14.14 10.71
CA GLY B 194 -16.99 -13.18 10.62
C GLY B 194 -16.82 -12.48 9.27
N ASP B 195 -16.20 -11.32 9.30
CA ASP B 195 -15.95 -10.53 8.10
C ASP B 195 -14.43 -10.42 7.90
N TYR B 196 -13.97 -10.47 6.66
CA TYR B 196 -12.54 -10.30 6.43
C TYR B 196 -12.18 -8.82 6.55
N ILE B 197 -11.16 -8.50 7.37
CA ILE B 197 -10.72 -7.12 7.47
C ILE B 197 -9.21 -7.09 7.56
N CYS B 198 -8.59 -5.95 7.24
CA CYS B 198 -7.13 -5.83 7.36
C CYS B 198 -6.67 -6.22 8.75
N ARG B 199 -5.68 -7.09 8.78
CA ARG B 199 -5.00 -7.44 10.01
C ARG B 199 -4.38 -6.18 10.58
N ASP B 200 -3.72 -5.41 9.74
CA ASP B 200 -2.98 -4.19 10.11
C ASP B 200 -3.89 -2.97 10.00
N SER B 201 -4.41 -2.47 11.13
CA SER B 201 -5.39 -1.39 11.11
C SER B 201 -4.86 0.00 10.77
N ILE B 202 -3.56 0.19 10.94
CA ILE B 202 -2.93 1.42 10.53
C ILE B 202 -2.98 1.59 9.06
N HIS B 203 -2.58 0.50 8.41
CA HIS B 203 -2.64 0.39 6.99
C HIS B 203 -4.05 0.47 6.46
N CYS B 204 -4.96 -0.23 7.16
CA CYS B 204 -6.38 -0.18 6.82
C CYS B 204 -6.88 1.26 6.73
N ASN B 205 -6.62 2.06 7.77
CA ASN B 205 -7.09 3.45 7.80
C ASN B 205 -6.49 4.27 6.63
N LYS B 206 -5.23 4.05 6.31
CA LYS B 206 -4.60 4.78 5.20
C LYS B 206 -5.30 4.47 3.85
N GLN B 207 -5.86 3.27 3.74
CA GLN B 207 -6.55 2.83 2.51
C GLN B 207 -8.01 3.19 2.49
N LEU B 208 -8.53 3.72 3.59
CA LEU B 208 -9.95 3.98 3.75
C LEU B 208 -10.23 5.40 3.22
N THR B 209 -10.84 5.47 2.04
CA THR B 209 -11.06 6.72 1.37
C THR B 209 -12.57 7.05 1.38
N ASP B 210 -13.37 6.10 1.90
CA ASP B 210 -14.86 6.19 1.95
C ASP B 210 -15.36 5.76 3.31
N ILE B 211 -15.70 6.73 4.16
CA ILE B 211 -16.09 6.45 5.52
C ILE B 211 -17.44 5.75 5.64
N ASN B 212 -18.33 5.93 4.67
CA ASN B 212 -19.56 5.16 4.74
C ASN B 212 -19.24 3.67 4.76
N GLN B 213 -18.18 3.22 4.08
CA GLN B 213 -17.85 1.81 4.12
C GLN B 213 -17.47 1.39 5.51
N PHE B 214 -16.93 2.29 6.30
CA PHE B 214 -16.64 1.93 7.67
C PHE B 214 -17.90 1.86 8.50
N TYR B 215 -18.77 2.82 8.31
CA TYR B 215 -20.01 2.83 9.06
C TYR B 215 -20.87 1.67 8.72
N ASN B 216 -20.88 1.26 7.46
CA ASN B 216 -21.65 0.08 7.11
C ASN B 216 -21.11 -1.18 7.76
N PHE B 217 -19.79 -1.29 7.86
CA PHE B 217 -19.21 -2.46 8.49
C PHE B 217 -19.67 -2.47 9.94
N ILE B 218 -19.59 -1.32 10.61
CA ILE B 218 -20.07 -1.16 11.99
C ILE B 218 -21.58 -1.50 12.08
N ASP B 219 -22.37 -0.97 11.15
CA ASP B 219 -23.80 -1.15 11.19
C ASP B 219 -24.06 -2.66 11.13
N LYS B 220 -23.38 -3.39 10.27
CA LYS B 220 -23.65 -4.82 10.15
C LYS B 220 -23.22 -5.54 11.43
N LEU B 221 -22.26 -4.96 12.13
CA LEU B 221 -21.74 -5.55 13.37
C LEU B 221 -22.77 -5.43 14.49
ZN ZN C . 9.51 0.91 -1.35
ZN ZN D . -8.75 -2.52 5.46
#